data_3P8M
#
_entry.id   3P8M
#
_cell.length_a   53.839
_cell.length_b   68.415
_cell.length_c   101.677
_cell.angle_alpha   90.00
_cell.angle_beta   90.00
_cell.angle_gamma   90.00
#
_symmetry.space_group_name_H-M   'P 21 21 21'
#
loop_
_entity.id
_entity.type
_entity.pdbx_description
1 polymer 'Dynein light chain 2'
2 polymer 'General control protein GCN4'
3 water water
#
loop_
_entity_poly.entity_id
_entity_poly.type
_entity_poly.pdbx_seq_one_letter_code
_entity_poly.pdbx_strand_id
1 'polypeptide(L)'
;GSHMSDRKAVIKNADMSEDMQQDAVDCATQAMEKYNIEKDIAAYIKKEFDKKYNPTWHCIVGRNFGSYVTHETKHFIYFY
LGQVAILLFKSG
;
A,B
2 'polypeptide(L)' GSVSRGTQTEGGSGMKQLEDKVEELLSKNYHLENEVARLKKLVGER D,C
#
# COMPACT_ATOMS: atom_id res chain seq x y z
N ASP A 6 -10.22 8.82 12.52
CA ASP A 6 -8.90 9.45 12.82
C ASP A 6 -8.06 9.64 11.54
N ARG A 7 -8.25 8.71 10.59
CA ARG A 7 -7.52 8.68 9.30
C ARG A 7 -8.29 9.42 8.16
N LYS A 8 -8.07 10.74 8.06
CA LYS A 8 -8.85 11.65 7.18
C LYS A 8 -8.47 11.53 5.70
N ALA A 9 -9.44 11.80 4.82
CA ALA A 9 -9.29 11.54 3.35
C ALA A 9 -8.68 12.71 2.56
N VAL A 10 -7.59 12.43 1.87
CA VAL A 10 -6.92 13.42 1.01
C VAL A 10 -6.80 12.87 -0.42
N ILE A 11 -7.52 13.50 -1.35
CA ILE A 11 -7.42 13.13 -2.76
C ILE A 11 -6.23 13.80 -3.43
N LYS A 12 -5.28 13.00 -3.88
CA LYS A 12 -4.12 13.54 -4.56
C LYS A 12 -4.45 13.85 -6.01
N ASN A 13 -5.13 12.93 -6.68
CA ASN A 13 -5.53 13.13 -8.08
C ASN A 13 -6.80 12.37 -8.39
N ALA A 14 -7.61 12.95 -9.27
CA ALA A 14 -8.87 12.34 -9.74
C ALA A 14 -9.26 12.77 -11.16
N ASP A 15 -9.77 11.82 -11.93
CA ASP A 15 -10.51 12.07 -13.17
C ASP A 15 -11.72 11.16 -13.05
N MET A 16 -12.76 11.69 -12.44
CA MET A 16 -13.89 10.89 -11.95
C MET A 16 -14.99 11.84 -11.53
N SER A 17 -16.22 11.34 -11.43
CA SER A 17 -17.32 12.18 -10.94
C SER A 17 -17.18 12.37 -9.45
N GLU A 18 -17.76 13.43 -8.93
CA GLU A 18 -17.68 13.76 -7.50
C GLU A 18 -18.38 12.70 -6.64
N ASP A 19 -19.58 12.30 -7.05
CA ASP A 19 -20.32 11.23 -6.41
C ASP A 19 -19.40 10.01 -6.28
N MET A 20 -18.94 9.49 -7.42
CA MET A 20 -18.03 8.34 -7.45
C MET A 20 -16.79 8.52 -6.55
N GLN A 21 -16.25 9.72 -6.52
CA GLN A 21 -15.07 10.04 -5.68
C GLN A 21 -15.33 9.86 -4.21
N GLN A 22 -16.42 10.43 -3.72
CA GLN A 22 -16.84 10.20 -2.34
C GLN A 22 -17.11 8.71 -2.11
N ASP A 23 -17.72 8.07 -3.10
CA ASP A 23 -18.11 6.65 -2.99
C ASP A 23 -16.92 5.74 -2.89
N ALA A 24 -15.86 6.08 -3.61
CA ALA A 24 -14.55 5.42 -3.41
C ALA A 24 -14.07 5.62 -1.96
N VAL A 25 -14.04 6.87 -1.51
CA VAL A 25 -13.59 7.20 -0.16
C VAL A 25 -14.39 6.47 0.91
N ASP A 26 -15.69 6.25 0.66
CA ASP A 26 -16.53 5.46 1.59
C ASP A 26 -16.08 3.99 1.56
N CYS A 27 -16.06 3.40 0.39
CA CYS A 27 -15.62 2.02 0.26
C CYS A 27 -14.33 1.83 1.01
N ALA A 28 -13.34 2.63 0.65
CA ALA A 28 -12.01 2.50 1.24
C ALA A 28 -12.17 2.42 2.74
N THR A 29 -13.02 3.29 3.27
CA THR A 29 -13.25 3.35 4.72
C THR A 29 -13.89 2.08 5.27
N GLN A 30 -14.92 1.59 4.59
CA GLN A 30 -15.57 0.33 4.98
C GLN A 30 -14.55 -0.80 4.94
N ALA A 31 -13.93 -0.99 3.78
CA ALA A 31 -12.87 -1.99 3.61
C ALA A 31 -11.86 -1.97 4.76
N MET A 32 -11.41 -0.78 5.16
CA MET A 32 -10.40 -0.66 6.24
C MET A 32 -10.92 -0.96 7.65
N GLU A 33 -12.23 -0.91 7.84
CA GLU A 33 -12.88 -1.36 9.09
C GLU A 33 -12.89 -2.89 9.17
N LYS A 34 -13.04 -3.54 8.01
CA LYS A 34 -13.10 -5.00 7.90
C LYS A 34 -11.71 -5.63 7.92
N TYR A 35 -10.86 -5.22 6.98
CA TYR A 35 -9.57 -5.85 6.74
C TYR A 35 -8.38 -4.97 7.13
N ASN A 36 -7.38 -5.58 7.77
CA ASN A 36 -6.08 -4.94 8.04
C ASN A 36 -5.12 -5.04 6.83
N ILE A 37 -5.23 -6.14 6.08
CA ILE A 37 -4.30 -6.45 4.98
CA ILE A 37 -4.30 -6.44 4.99
C ILE A 37 -4.69 -5.72 3.69
N GLU A 38 -3.74 -5.03 3.07
CA GLU A 38 -4.02 -4.22 1.87
C GLU A 38 -4.65 -5.03 0.75
N LYS A 39 -4.02 -6.14 0.40
CA LYS A 39 -4.52 -7.06 -0.63
C LYS A 39 -6.03 -7.20 -0.50
N ASP A 40 -6.50 -7.39 0.73
CA ASP A 40 -7.93 -7.56 1.02
C ASP A 40 -8.75 -6.28 0.97
N ILE A 41 -8.19 -5.17 1.41
CA ILE A 41 -8.85 -3.88 1.23
C ILE A 41 -9.02 -3.66 -0.29
N ALA A 42 -7.90 -3.83 -1.02
CA ALA A 42 -7.84 -3.78 -2.48
C ALA A 42 -8.92 -4.58 -3.19
N ALA A 43 -9.14 -5.82 -2.77
CA ALA A 43 -10.16 -6.65 -3.39
C ALA A 43 -11.56 -6.12 -3.04
N TYR A 44 -11.79 -5.81 -1.76
CA TYR A 44 -13.09 -5.29 -1.33
C TYR A 44 -13.59 -4.18 -2.26
N ILE A 45 -12.69 -3.25 -2.60
CA ILE A 45 -13.07 -2.08 -3.37
C ILE A 45 -13.29 -2.41 -4.86
N LYS A 46 -12.30 -3.01 -5.48
CA LYS A 46 -12.40 -3.43 -6.87
C LYS A 46 -13.72 -4.13 -7.09
N LYS A 47 -14.08 -5.01 -6.16
CA LYS A 47 -15.29 -5.81 -6.31
C LYS A 47 -16.55 -4.96 -6.26
N GLU A 48 -16.59 -4.06 -5.28
CA GLU A 48 -17.74 -3.18 -5.06
CA GLU A 48 -17.73 -3.15 -5.07
C GLU A 48 -17.96 -2.28 -6.29
N PHE A 49 -16.88 -1.76 -6.83
CA PHE A 49 -16.98 -0.91 -8.01
C PHE A 49 -17.32 -1.68 -9.29
N ASP A 50 -16.86 -2.92 -9.39
CA ASP A 50 -17.26 -3.77 -10.52
C ASP A 50 -18.78 -3.93 -10.51
N LYS A 51 -19.35 -4.03 -9.31
CA LYS A 51 -20.79 -4.24 -9.18
C LYS A 51 -21.60 -3.00 -9.50
N LYS A 52 -21.24 -1.89 -8.88
CA LYS A 52 -22.01 -0.66 -9.01
C LYS A 52 -21.85 -0.05 -10.38
N TYR A 53 -20.60 0.02 -10.82
CA TYR A 53 -20.24 0.82 -11.99
C TYR A 53 -19.73 -0.02 -13.18
N ASN A 54 -19.99 -1.31 -13.20
CA ASN A 54 -19.52 -2.17 -14.31
C ASN A 54 -18.01 -2.44 -14.33
N PRO A 55 -17.64 -3.65 -14.77
CA PRO A 55 -16.22 -3.98 -14.98
C PRO A 55 -15.59 -3.19 -16.11
N THR A 56 -14.26 -3.05 -16.13
CA THR A 56 -13.34 -3.83 -15.27
C THR A 56 -12.46 -2.90 -14.49
N TRP A 57 -12.67 -2.85 -13.16
CA TRP A 57 -11.86 -2.00 -12.27
C TRP A 57 -10.61 -2.73 -11.74
N HIS A 58 -9.62 -1.95 -11.33
CA HIS A 58 -8.42 -2.46 -10.68
C HIS A 58 -8.14 -1.60 -9.48
N CYS A 59 -7.42 -2.11 -8.48
CA CYS A 59 -7.19 -1.36 -7.26
C CYS A 59 -5.95 -1.77 -6.52
N ILE A 60 -5.08 -0.81 -6.29
CA ILE A 60 -3.84 -1.01 -5.57
C ILE A 60 -3.88 -0.19 -4.28
N VAL A 61 -3.53 -0.83 -3.17
CA VAL A 61 -3.55 -0.22 -1.86
C VAL A 61 -2.20 -0.43 -1.18
N GLY A 62 -1.60 0.64 -0.69
CA GLY A 62 -0.30 0.55 -0.03
C GLY A 62 0.29 1.87 0.39
N ARG A 63 1.54 1.84 0.81
CA ARG A 63 2.22 3.02 1.38
C ARG A 63 3.51 3.37 0.65
N ASN A 64 4.21 2.36 0.10
CA ASN A 64 5.47 2.58 -0.62
C ASN A 64 5.43 1.91 -1.98
N PHE A 65 4.68 2.52 -2.90
CA PHE A 65 4.67 2.08 -4.29
C PHE A 65 4.51 3.23 -5.27
N GLY A 66 4.82 2.91 -6.54
CA GLY A 66 4.64 3.83 -7.68
C GLY A 66 3.98 3.05 -8.80
N SER A 67 3.36 3.74 -9.75
CA SER A 67 2.64 3.08 -10.85
C SER A 67 2.63 3.87 -12.14
N TYR A 68 2.39 3.14 -13.23
CA TYR A 68 2.00 3.76 -14.50
C TYR A 68 0.92 2.93 -15.16
N VAL A 69 -0.20 3.56 -15.46
CA VAL A 69 -1.39 2.86 -15.85
C VAL A 69 -2.14 3.64 -16.89
N THR A 70 -3.13 2.99 -17.48
CA THR A 70 -3.97 3.60 -18.48
C THR A 70 -5.38 3.43 -18.03
N HIS A 71 -6.15 4.49 -17.99
CA HIS A 71 -7.55 4.38 -17.57
C HIS A 71 -8.54 4.95 -18.55
N GLU A 72 -9.80 4.62 -18.33
CA GLU A 72 -10.88 5.20 -19.10
CA GLU A 72 -10.89 5.21 -19.09
C GLU A 72 -11.17 6.60 -18.55
N THR A 73 -11.57 7.48 -19.47
CA THR A 73 -12.01 8.80 -19.14
C THR A 73 -13.07 8.71 -18.00
N LYS A 74 -12.89 9.60 -17.02
CA LYS A 74 -13.78 9.76 -15.85
C LYS A 74 -13.85 8.55 -14.93
N HIS A 75 -12.78 7.76 -14.91
CA HIS A 75 -12.76 6.55 -14.10
C HIS A 75 -11.39 6.34 -13.48
N PHE A 76 -10.91 7.33 -12.73
CA PHE A 76 -9.62 7.22 -12.07
C PHE A 76 -9.54 8.02 -10.80
N ILE A 77 -9.06 7.40 -9.73
CA ILE A 77 -8.80 8.14 -8.50
C ILE A 77 -7.57 7.65 -7.75
N TYR A 78 -6.88 8.60 -7.13
CA TYR A 78 -5.72 8.30 -6.35
C TYR A 78 -5.77 9.17 -5.12
N PHE A 79 -5.89 8.54 -3.96
CA PHE A 79 -6.13 9.26 -2.72
C PHE A 79 -5.57 8.53 -1.52
N TYR A 80 -5.32 9.28 -0.45
CA TYR A 80 -4.86 8.69 0.80
C TYR A 80 -5.96 8.65 1.85
N LEU A 81 -6.10 7.48 2.46
CA LEU A 81 -6.93 7.31 3.64
C LEU A 81 -5.93 7.06 4.76
N GLY A 82 -5.69 8.09 5.57
CA GLY A 82 -4.58 8.11 6.52
C GLY A 82 -3.23 8.20 5.81
N GLN A 83 -2.26 7.45 6.32
CA GLN A 83 -0.94 7.37 5.71
C GLN A 83 -0.87 6.26 4.63
N VAL A 84 -2.04 5.76 4.21
CA VAL A 84 -2.14 4.69 3.20
C VAL A 84 -2.72 5.20 1.87
N ALA A 85 -1.99 4.94 0.80
CA ALA A 85 -2.37 5.36 -0.54
C ALA A 85 -3.27 4.32 -1.19
N ILE A 86 -4.21 4.80 -2.00
CA ILE A 86 -5.22 3.95 -2.67
C ILE A 86 -5.42 4.37 -4.12
N LEU A 87 -5.06 3.48 -5.04
CA LEU A 87 -5.25 3.71 -6.48
C LEU A 87 -6.39 2.85 -6.96
N LEU A 88 -7.31 3.47 -7.67
CA LEU A 88 -8.50 2.76 -8.13
C LEU A 88 -8.85 3.29 -9.48
N PHE A 89 -9.08 2.43 -10.46
CA PHE A 89 -9.38 2.91 -11.82
C PHE A 89 -9.91 1.85 -12.74
N LYS A 90 -10.45 2.25 -13.86
CA LYS A 90 -11.07 1.33 -14.79
C LYS A 90 -10.28 1.19 -16.08
N SER A 91 -10.04 -0.05 -16.46
CA SER A 91 -9.50 -0.35 -17.78
C SER A 91 -9.86 -1.80 -18.11
N GLY A 92 -10.54 -1.99 -19.26
CA GLY A 92 -11.48 -3.14 -19.45
C GLY A 92 -12.96 -2.84 -19.06
N ASP B 6 23.08 -7.86 -5.49
CA ASP B 6 22.05 -7.45 -4.48
C ASP B 6 20.64 -7.22 -5.07
N ARG B 7 20.39 -7.75 -6.26
CA ARG B 7 19.06 -7.60 -6.91
C ARG B 7 18.73 -8.77 -7.87
N LYS B 8 18.79 -9.99 -7.35
CA LYS B 8 18.41 -11.21 -8.11
C LYS B 8 16.88 -11.32 -8.28
N ALA B 9 16.45 -11.95 -9.38
CA ALA B 9 15.02 -12.01 -9.76
C ALA B 9 14.28 -13.21 -9.15
N VAL B 10 13.21 -12.92 -8.40
CA VAL B 10 12.37 -13.97 -7.81
C VAL B 10 10.94 -13.76 -8.26
N ILE B 11 10.40 -14.70 -9.03
CA ILE B 11 8.99 -14.67 -9.45
C ILE B 11 8.11 -15.23 -8.35
N LYS B 12 7.19 -14.42 -7.85
CA LYS B 12 6.25 -14.89 -6.85
C LYS B 12 5.06 -15.63 -7.50
N ASN B 13 4.51 -15.03 -8.56
CA ASN B 13 3.36 -15.59 -9.30
C ASN B 13 3.33 -15.16 -10.75
N ALA B 14 2.92 -16.06 -11.63
CA ALA B 14 2.88 -15.79 -13.06
C ALA B 14 1.79 -16.60 -13.77
N ASP B 15 1.11 -15.96 -14.71
CA ASP B 15 0.26 -16.60 -15.71
C ASP B 15 0.65 -15.91 -17.02
N MET B 16 1.67 -16.49 -17.67
CA MET B 16 2.37 -15.80 -18.73
C MET B 16 3.27 -16.83 -19.43
N SER B 17 3.70 -16.53 -20.65
CA SER B 17 4.66 -17.41 -21.31
C SER B 17 6.03 -17.22 -20.65
N GLU B 18 6.89 -18.21 -20.79
CA GLU B 18 8.25 -18.14 -20.24
C GLU B 18 9.14 -17.07 -20.89
N ASP B 19 9.04 -16.96 -22.22
CA ASP B 19 9.72 -15.89 -22.94
C ASP B 19 9.33 -14.54 -22.36
N MET B 20 8.04 -14.22 -22.41
CA MET B 20 7.52 -12.99 -21.83
C MET B 20 8.02 -12.75 -20.40
N GLN B 21 8.00 -13.79 -19.57
CA GLN B 21 8.41 -13.66 -18.17
C GLN B 21 9.85 -13.17 -18.01
N GLN B 22 10.77 -13.81 -18.72
CA GLN B 22 12.17 -13.36 -18.76
C GLN B 22 12.21 -11.92 -19.28
N ASP B 23 11.39 -11.64 -20.29
CA ASP B 23 11.41 -10.34 -20.96
C ASP B 23 10.97 -9.22 -20.03
N ALA B 24 9.98 -9.53 -19.20
CA ALA B 24 9.63 -8.65 -18.10
C ALA B 24 10.85 -8.45 -17.21
N VAL B 25 11.42 -9.54 -16.72
CA VAL B 25 12.56 -9.45 -15.80
C VAL B 25 13.72 -8.64 -16.38
N ASP B 26 13.89 -8.67 -17.71
CA ASP B 26 14.90 -7.85 -18.38
C ASP B 26 14.51 -6.36 -18.35
N CYS B 27 13.28 -6.07 -18.79
CA CYS B 27 12.75 -4.71 -18.75
C CYS B 27 12.93 -4.11 -17.39
N ALA B 28 12.44 -4.82 -16.38
CA ALA B 28 12.53 -4.36 -15.00
C ALA B 28 13.96 -3.97 -14.69
N THR B 29 14.90 -4.80 -15.13
CA THR B 29 16.30 -4.58 -14.88
C THR B 29 16.77 -3.32 -15.60
N GLN B 30 16.41 -3.18 -16.89
CA GLN B 30 16.80 -1.98 -17.66
C GLN B 30 16.27 -0.73 -16.99
N ALA B 31 14.96 -0.71 -16.80
CA ALA B 31 14.29 0.39 -16.11
C ALA B 31 15.00 0.81 -14.81
N MET B 32 15.44 -0.15 -14.02
CA MET B 32 16.09 0.15 -12.74
C MET B 32 17.54 0.65 -12.90
N GLU B 33 18.14 0.42 -14.06
CA GLU B 33 19.43 1.04 -14.38
C GLU B 33 19.27 2.52 -14.72
N LYS B 34 18.13 2.85 -15.32
CA LYS B 34 17.83 4.21 -15.76
C LYS B 34 17.26 5.05 -14.62
N TYR B 35 16.17 4.58 -14.04
CA TYR B 35 15.38 5.35 -13.06
C TYR B 35 15.44 4.80 -11.62
N ASN B 36 15.66 5.70 -10.66
CA ASN B 36 15.56 5.38 -9.24
C ASN B 36 14.09 5.37 -8.77
N ILE B 37 13.24 6.22 -9.35
CA ILE B 37 11.86 6.39 -8.87
C ILE B 37 10.90 5.33 -9.45
N GLU B 38 10.12 4.70 -8.59
CA GLU B 38 9.27 3.59 -9.02
C GLU B 38 8.33 4.00 -10.14
N LYS B 39 7.61 5.10 -9.92
CA LYS B 39 6.68 5.66 -10.90
C LYS B 39 7.29 5.51 -12.27
N ASP B 40 8.54 5.96 -12.39
CA ASP B 40 9.26 5.95 -13.66
C ASP B 40 9.69 4.58 -14.13
N ILE B 41 10.07 3.70 -13.20
CA ILE B 41 10.38 2.34 -13.57
C ILE B 41 9.10 1.73 -14.15
N ALA B 42 8.02 1.91 -13.40
CA ALA B 42 6.67 1.51 -13.78
C ALA B 42 6.28 1.92 -15.20
N ALA B 43 6.53 3.18 -15.54
CA ALA B 43 6.18 3.67 -16.87
C ALA B 43 7.03 3.01 -17.96
N TYR B 44 8.33 2.91 -17.69
CA TYR B 44 9.25 2.32 -18.65
C TYR B 44 8.75 0.98 -19.14
N ILE B 45 8.28 0.18 -18.20
CA ILE B 45 7.89 -1.20 -18.48
C ILE B 45 6.55 -1.24 -19.20
N LYS B 46 5.55 -0.64 -18.59
CA LYS B 46 4.22 -0.58 -19.22
C LYS B 46 4.36 -0.22 -20.68
N LYS B 47 5.16 0.80 -20.95
CA LYS B 47 5.29 1.33 -22.29
C LYS B 47 5.91 0.29 -23.19
N GLU B 48 6.97 -0.34 -22.71
CA GLU B 48 7.69 -1.28 -23.54
C GLU B 48 6.81 -2.45 -23.92
N PHE B 49 6.06 -2.95 -22.95
CA PHE B 49 5.17 -4.06 -23.21
C PHE B 49 3.98 -3.65 -24.10
N ASP B 50 3.52 -2.41 -23.98
CA ASP B 50 2.49 -1.92 -24.87
C ASP B 50 2.97 -2.04 -26.31
N LYS B 51 4.24 -1.71 -26.51
CA LYS B 51 4.83 -1.73 -27.85
C LYS B 51 4.98 -3.15 -28.42
N LYS B 52 5.67 -4.01 -27.65
CA LYS B 52 6.04 -5.36 -28.10
C LYS B 52 4.81 -6.27 -28.18
N TYR B 53 3.98 -6.21 -27.14
CA TYR B 53 2.88 -7.16 -26.97
C TYR B 53 1.46 -6.58 -27.06
N ASN B 54 1.31 -5.39 -27.61
CA ASN B 54 0.00 -4.75 -27.77
C ASN B 54 -0.61 -4.24 -26.46
N PRO B 55 -1.32 -3.12 -26.53
CA PRO B 55 -2.02 -2.59 -25.37
C PRO B 55 -3.19 -3.48 -24.96
N THR B 56 -3.65 -3.38 -23.70
CA THR B 56 -3.28 -2.31 -22.76
C THR B 56 -2.69 -2.85 -21.47
N TRP B 57 -1.40 -2.61 -21.24
CA TRP B 57 -0.72 -3.05 -20.02
C TRP B 57 -0.81 -2.05 -18.89
N HIS B 58 -0.64 -2.53 -17.67
CA HIS B 58 -0.55 -1.69 -16.48
C HIS B 58 0.62 -2.21 -15.63
N CYS B 59 1.23 -1.36 -14.81
CA CYS B 59 2.39 -1.80 -14.03
C CYS B 59 2.58 -1.03 -12.76
N ILE B 60 2.68 -1.75 -11.66
CA ILE B 60 2.87 -1.17 -10.34
C ILE B 60 4.18 -1.66 -9.80
N VAL B 61 4.99 -0.73 -9.31
CA VAL B 61 6.31 -1.03 -8.80
C VAL B 61 6.49 -0.44 -7.39
N GLY B 62 6.87 -1.28 -6.43
CA GLY B 62 7.00 -0.81 -5.05
C GLY B 62 7.40 -1.86 -4.04
N ARG B 63 7.30 -1.49 -2.77
CA ARG B 63 7.81 -2.32 -1.66
C ARG B 63 6.79 -2.60 -0.57
N ASN B 64 5.83 -1.70 -0.37
CA ASN B 64 4.78 -1.90 0.64
C ASN B 64 3.42 -1.58 0.06
N PHE B 65 2.92 -2.48 -0.80
CA PHE B 65 1.58 -2.37 -1.35
C PHE B 65 0.93 -3.72 -1.53
N GLY B 66 -0.38 -3.68 -1.73
CA GLY B 66 -1.24 -4.83 -2.04
C GLY B 66 -2.21 -4.45 -3.16
N SER B 67 -2.77 -5.44 -3.84
CA SER B 67 -3.63 -5.19 -4.99
C SER B 67 -4.70 -6.22 -5.17
N TYR B 68 -5.74 -5.83 -5.91
CA TYR B 68 -6.66 -6.79 -6.50
C TYR B 68 -6.98 -6.33 -7.91
N VAL B 69 -6.76 -7.21 -8.88
CA VAL B 69 -6.85 -6.85 -10.28
C VAL B 69 -7.47 -7.94 -11.13
N THR B 70 -7.79 -7.60 -12.38
CA THR B 70 -8.30 -8.56 -13.34
C THR B 70 -7.42 -8.56 -14.57
N HIS B 71 -6.95 -9.72 -15.00
CA HIS B 71 -6.08 -9.74 -16.17
C HIS B 71 -6.52 -10.70 -17.24
N GLU B 72 -5.94 -10.51 -18.42
CA GLU B 72 -6.12 -11.42 -19.55
C GLU B 72 -5.38 -12.69 -19.27
N THR B 73 -5.94 -13.78 -19.78
CA THR B 73 -5.26 -15.06 -19.75
C THR B 73 -3.86 -14.96 -20.40
N LYS B 74 -2.88 -15.53 -19.70
CA LYS B 74 -1.47 -15.57 -20.09
C LYS B 74 -0.82 -14.19 -20.21
N HIS B 75 -1.25 -13.25 -19.38
CA HIS B 75 -0.71 -11.89 -19.38
C HIS B 75 -0.66 -11.32 -17.97
N PHE B 76 0.04 -11.99 -17.08
CA PHE B 76 0.18 -11.49 -15.71
C PHE B 76 1.43 -11.98 -15.04
N ILE B 77 2.15 -11.07 -14.40
CA ILE B 77 3.35 -11.46 -13.64
C ILE B 77 3.56 -10.62 -12.40
N TYR B 78 4.03 -11.27 -11.36
CA TYR B 78 4.28 -10.61 -10.09
C TYR B 78 5.59 -11.15 -9.57
N PHE B 79 6.60 -10.29 -9.51
CA PHE B 79 7.94 -10.72 -9.18
C PHE B 79 8.77 -9.64 -8.51
N TYR B 80 9.78 -10.05 -7.75
CA TYR B 80 10.68 -9.14 -7.05
C TYR B 80 11.98 -9.05 -7.80
N LEU B 81 12.45 -7.81 -7.98
CA LEU B 81 13.80 -7.53 -8.44
C LEU B 81 14.47 -6.85 -7.26
N GLY B 82 15.31 -7.59 -6.54
CA GLY B 82 15.80 -7.15 -5.24
C GLY B 82 14.69 -7.13 -4.21
N GLN B 83 14.72 -6.13 -3.32
CA GLN B 83 13.69 -5.97 -2.29
C GLN B 83 12.47 -5.16 -2.80
N VAL B 84 12.36 -5.02 -4.12
CA VAL B 84 11.29 -4.24 -4.77
C VAL B 84 10.37 -5.14 -5.59
N ALA B 85 9.08 -5.07 -5.29
CA ALA B 85 8.05 -5.87 -5.93
C ALA B 85 7.56 -5.19 -7.21
N ILE B 86 7.21 -6.00 -8.21
CA ILE B 86 6.80 -5.53 -9.55
C ILE B 86 5.59 -6.29 -10.07
N LEU B 87 4.48 -5.58 -10.21
CA LEU B 87 3.25 -6.16 -10.79
C LEU B 87 3.10 -5.63 -12.22
N LEU B 88 2.81 -6.51 -13.15
CA LEU B 88 2.67 -6.15 -14.54
C LEU B 88 1.65 -7.07 -15.14
N PHE B 89 0.72 -6.52 -15.90
CA PHE B 89 -0.36 -7.33 -16.46
C PHE B 89 -1.19 -6.59 -17.47
N LYS B 90 -1.97 -7.34 -18.23
CA LYS B 90 -2.76 -6.78 -19.31
C LYS B 90 -4.26 -6.80 -19.00
N SER B 91 -4.92 -5.67 -19.20
CA SER B 91 -6.38 -5.59 -19.16
C SER B 91 -6.83 -4.30 -19.87
N GLY B 92 -7.66 -4.42 -20.93
CA GLY B 92 -8.00 -3.29 -21.83
C GLY B 92 -9.48 -3.17 -22.22
N GLY C 1 -12.42 6.44 -24.36
CA GLY C 1 -11.51 7.35 -23.59
C GLY C 1 -10.28 6.60 -23.07
N SER C 2 -9.10 7.19 -23.22
CA SER C 2 -7.86 6.50 -22.88
C SER C 2 -6.81 7.50 -22.40
N VAL C 3 -6.46 7.37 -21.12
CA VAL C 3 -5.62 8.34 -20.44
C VAL C 3 -4.49 7.61 -19.74
N SER C 4 -3.24 7.87 -20.12
CA SER C 4 -2.09 7.19 -19.49
C SER C 4 -1.50 8.10 -18.43
N ARG C 5 -1.23 7.58 -17.24
CA ARG C 5 -0.66 8.40 -16.16
C ARG C 5 -0.04 7.60 -15.03
N GLY C 6 0.80 8.23 -14.22
CA GLY C 6 1.44 7.55 -13.08
C GLY C 6 1.18 8.17 -11.70
N THR C 7 1.52 7.41 -10.66
CA THR C 7 1.42 7.86 -9.27
C THR C 7 2.72 7.55 -8.52
N GLN C 8 2.95 8.27 -7.45
CA GLN C 8 4.05 7.95 -6.55
C GLN C 8 3.71 8.36 -5.12
N THR C 9 4.01 7.47 -4.18
CA THR C 9 3.80 7.74 -2.76
C THR C 9 4.92 8.63 -2.20
N GLU C 10 4.65 9.31 -1.09
CA GLU C 10 5.65 10.19 -0.51
C GLU C 10 5.86 9.95 0.97
N GLY C 11 5.58 8.73 1.43
CA GLY C 11 5.70 8.38 2.85
C GLY C 11 7.13 8.43 3.33
N GLY C 12 7.29 8.53 4.65
CA GLY C 12 8.63 8.58 5.27
C GLY C 12 8.80 9.78 6.16
N SER C 13 8.03 10.83 5.93
CA SER C 13 8.07 12.06 6.75
C SER C 13 7.39 11.89 8.13
N GLY C 14 8.12 12.26 9.20
CA GLY C 14 7.62 12.15 10.58
C GLY C 14 8.10 10.91 11.32
N MET C 15 9.13 10.27 10.79
CA MET C 15 9.67 9.02 11.32
C MET C 15 10.59 9.27 12.52
N LYS C 16 11.45 10.29 12.40
CA LYS C 16 12.31 10.68 13.53
C LYS C 16 11.45 11.10 14.69
N GLN C 17 10.39 11.85 14.41
CA GLN C 17 9.39 12.21 15.42
C GLN C 17 8.94 10.98 16.24
N LEU C 18 8.60 9.91 15.53
CA LEU C 18 8.15 8.67 16.16
C LEU C 18 9.31 8.00 16.88
N GLU C 19 10.42 7.79 16.16
CA GLU C 19 11.60 7.17 16.75
C GLU C 19 11.98 7.85 18.07
N ASP C 20 12.01 9.18 18.06
CA ASP C 20 12.31 9.97 19.26
C ASP C 20 11.23 9.86 20.32
N LYS C 21 9.98 9.70 19.92
CA LYS C 21 8.87 9.54 20.87
C LYS C 21 8.90 8.19 21.54
N VAL C 22 9.25 7.15 20.79
CA VAL C 22 9.41 5.81 21.36
C VAL C 22 10.53 5.79 22.43
N GLU C 23 11.70 6.23 22.03
CA GLU C 23 12.80 6.45 22.98
C GLU C 23 12.30 7.14 24.25
N GLU C 24 11.55 8.21 24.09
CA GLU C 24 11.08 8.98 25.24
C GLU C 24 10.24 8.08 26.11
N LEU C 25 9.27 7.41 25.49
CA LEU C 25 8.29 6.61 26.23
C LEU C 25 8.97 5.42 26.89
N LEU C 26 9.73 4.65 26.12
CA LEU C 26 10.55 3.57 26.69
C LEU C 26 11.23 3.99 28.00
N SER C 27 11.85 5.16 27.98
CA SER C 27 12.60 5.62 29.12
C SER C 27 11.68 6.00 30.28
N LYS C 28 10.71 6.86 30.00
CA LYS C 28 9.71 7.25 31.01
C LYS C 28 9.13 5.98 31.65
N ASN C 29 8.91 4.97 30.83
CA ASN C 29 8.29 3.71 31.21
C ASN C 29 9.13 2.93 32.23
N TYR C 30 10.35 2.59 31.85
CA TYR C 30 11.28 1.89 32.73
C TYR C 30 11.30 2.59 34.08
N HIS C 31 11.48 3.91 34.04
CA HIS C 31 11.57 4.72 35.28
C HIS C 31 10.30 4.70 36.09
N LEU C 32 9.16 4.69 35.42
CA LEU C 32 7.88 4.59 36.09
C LEU C 32 7.77 3.24 36.76
N GLU C 33 8.13 2.18 36.05
CA GLU C 33 8.07 0.82 36.61
C GLU C 33 8.83 0.72 37.93
N ASN C 34 10.05 1.24 37.94
CA ASN C 34 10.89 1.20 39.14
C ASN C 34 10.23 1.90 40.34
N GLU C 35 9.58 3.03 40.05
CA GLU C 35 8.84 3.76 41.05
C GLU C 35 7.72 2.87 41.68
N VAL C 36 7.00 2.15 40.82
CA VAL C 36 5.97 1.20 41.24
C VAL C 36 6.55 0.12 42.16
N ALA C 37 7.54 -0.62 41.64
CA ALA C 37 8.24 -1.67 42.41
C ALA C 37 8.70 -1.12 43.77
N ARG C 38 9.24 0.10 43.74
CA ARG C 38 9.74 0.77 44.94
C ARG C 38 8.62 1.05 45.96
N LEU C 39 7.45 1.47 45.45
CA LEU C 39 6.29 1.80 46.31
C LEU C 39 5.53 0.56 46.79
N LYS C 40 5.39 -0.45 45.92
CA LYS C 40 4.79 -1.75 46.30
C LYS C 40 5.50 -2.35 47.51
N LYS C 41 6.83 -2.27 47.52
CA LYS C 41 7.65 -2.71 48.65
C LYS C 41 7.24 -2.01 49.94
N LEU C 42 6.93 -0.72 49.84
CA LEU C 42 6.52 0.08 50.99
C LEU C 42 5.15 -0.36 51.52
N VAL C 43 4.15 -0.40 50.63
CA VAL C 43 2.77 -0.77 51.02
C VAL C 43 2.64 -2.29 51.13
N SER D 2 -10.26 -14.04 -18.73
CA SER D 2 -10.46 -13.05 -17.65
C SER D 2 -10.27 -13.68 -16.28
N VAL D 3 -9.26 -13.22 -15.56
CA VAL D 3 -8.81 -13.83 -14.32
C VAL D 3 -8.62 -12.78 -13.26
N SER D 4 -9.42 -12.80 -12.22
CA SER D 4 -9.31 -11.80 -11.16
C SER D 4 -8.41 -12.35 -10.05
N ARG D 5 -7.45 -11.55 -9.57
CA ARG D 5 -6.56 -11.98 -8.50
C ARG D 5 -5.85 -10.84 -7.78
N GLY D 6 -5.32 -11.13 -6.59
CA GLY D 6 -4.58 -10.13 -5.82
C GLY D 6 -3.14 -10.49 -5.43
N THR D 7 -2.42 -9.48 -4.97
CA THR D 7 -1.04 -9.63 -4.47
C THR D 7 -0.91 -8.92 -3.11
N GLN D 8 0.09 -9.34 -2.35
CA GLN D 8 0.50 -8.63 -1.14
C GLN D 8 1.99 -8.77 -0.89
N THR D 9 2.63 -7.65 -0.57
CA THR D 9 4.05 -7.64 -0.24
C THR D 9 4.32 -8.20 1.18
N GLU D 10 5.54 -8.72 1.38
CA GLU D 10 5.95 -9.30 2.66
C GLU D 10 5.85 -8.23 3.75
N GLY D 11 4.81 -8.33 4.59
CA GLY D 11 4.51 -7.27 5.58
C GLY D 11 5.64 -7.07 6.58
N GLY D 12 6.05 -5.82 6.84
CA GLY D 12 5.46 -4.60 6.25
C GLY D 12 6.38 -3.41 6.39
N SER D 13 5.81 -2.22 6.53
CA SER D 13 6.59 -0.98 6.60
C SER D 13 7.28 -0.85 7.94
N GLY D 14 8.37 -0.10 7.96
CA GLY D 14 9.04 0.25 9.20
C GLY D 14 8.21 1.28 9.94
N MET D 15 7.42 2.01 9.19
CA MET D 15 6.66 3.08 9.76
C MET D 15 5.44 2.56 10.53
N LYS D 16 4.81 1.50 10.02
CA LYS D 16 3.75 0.83 10.76
C LYS D 16 4.34 0.27 12.05
N GLN D 17 5.50 -0.37 11.93
CA GLN D 17 6.22 -0.88 13.09
C GLN D 17 6.25 0.17 14.20
N LEU D 18 6.70 1.38 13.85
CA LEU D 18 6.82 2.49 14.80
C LEU D 18 5.46 2.92 15.31
N GLU D 19 4.57 3.24 14.38
CA GLU D 19 3.21 3.63 14.73
C GLU D 19 2.64 2.68 15.76
N ASP D 20 2.72 1.38 15.47
CA ASP D 20 2.21 0.35 16.38
C ASP D 20 2.97 0.31 17.71
N LYS D 21 4.27 0.58 17.66
CA LYS D 21 5.08 0.58 18.88
C LYS D 21 4.72 1.76 19.78
N VAL D 22 4.45 2.92 19.18
CA VAL D 22 4.06 4.10 19.95
C VAL D 22 2.73 3.81 20.67
N GLU D 23 1.74 3.36 19.88
CA GLU D 23 0.45 2.91 20.41
C GLU D 23 0.64 2.00 21.62
N GLU D 24 1.53 1.04 21.47
CA GLU D 24 1.78 0.10 22.54
C GLU D 24 2.31 0.78 23.79
N LEU D 25 3.31 1.63 23.59
CA LEU D 25 3.96 2.33 24.69
C LEU D 25 2.99 3.33 25.33
N LEU D 26 2.34 4.17 24.52
CA LEU D 26 1.34 5.12 25.04
C LEU D 26 0.41 4.42 26.02
N SER D 27 -0.02 3.22 25.62
CA SER D 27 -1.03 2.49 26.39
C SER D 27 -0.44 1.93 27.67
N LYS D 28 0.68 1.22 27.55
CA LYS D 28 1.45 0.75 28.72
C LYS D 28 1.75 1.88 29.72
N ASN D 29 2.01 3.07 29.18
CA ASN D 29 2.34 4.26 29.96
C ASN D 29 1.19 4.74 30.83
N TYR D 30 0.08 5.06 30.16
CA TYR D 30 -1.12 5.51 30.85
C TYR D 30 -1.40 4.53 32.00
N HIS D 31 -1.42 3.25 31.67
CA HIS D 31 -1.74 2.21 32.65
C HIS D 31 -0.72 2.15 33.80
N LEU D 32 0.56 2.36 33.47
CA LEU D 32 1.62 2.39 34.46
CA LEU D 32 1.63 2.40 34.45
C LEU D 32 1.47 3.60 35.39
N GLU D 33 1.16 4.76 34.81
CA GLU D 33 0.91 5.96 35.62
C GLU D 33 -0.20 5.77 36.66
N ASN D 34 -1.30 5.16 36.25
CA ASN D 34 -2.46 4.93 37.14
C ASN D 34 -2.07 4.06 38.34
N GLU D 35 -1.23 3.07 38.06
CA GLU D 35 -0.69 2.18 39.08
C GLU D 35 0.11 2.97 40.12
N VAL D 36 0.94 3.88 39.63
CA VAL D 36 1.73 4.79 40.47
C VAL D 36 0.80 5.61 41.36
N ALA D 37 -0.07 6.41 40.75
CA ALA D 37 -1.04 7.22 41.49
C ALA D 37 -1.79 6.38 42.52
N ARG D 38 -2.17 5.17 42.13
CA ARG D 38 -2.89 4.24 43.01
C ARG D 38 -2.08 3.87 44.26
N LEU D 39 -0.77 3.72 44.09
CA LEU D 39 0.13 3.54 45.22
C LEU D 39 0.42 4.88 45.87
N LYS D 40 0.51 5.92 45.05
CA LYS D 40 0.74 7.29 45.55
C LYS D 40 -0.49 7.79 46.35
N LYS D 41 -1.67 7.23 46.06
CA LYS D 41 -2.91 7.52 46.81
C LYS D 41 -2.90 6.84 48.18
N LEU D 42 -2.33 5.65 48.26
CA LEU D 42 -2.16 4.92 49.54
C LEU D 42 -1.11 5.57 50.47
N VAL D 43 -0.05 6.15 49.88
CA VAL D 43 1.02 6.79 50.65
C VAL D 43 0.55 8.09 51.30
#